data_6ZJ1
#
_entry.id   6ZJ1
#
_cell.length_a   129.414
_cell.length_b   129.414
_cell.length_c   50.201
_cell.angle_alpha   90.000
_cell.angle_beta   90.000
_cell.angle_gamma   120.000
#
_symmetry.space_group_name_H-M   'P 62'
#
loop_
_entity.id
_entity.type
_entity.pdbx_description
1 polymer 'Glycoprotein endo-alpha-1,2-mannosidase'
2 branched 'alpha-D-glucopyranose-(1-3)-alpha-D-mannopyranose-(1-2)-alpha-D-mannopyranose-(1-2)-methyl alpha-D-mannopyranoside'
3 non-polymer 'MAGNESIUM ION'
4 non-polymer 6-tungstotellurate(VI)
5 water water
#
_entity_poly.entity_id   1
_entity_poly.type   'polypeptide(L)'
_entity_poly.pdbx_seq_one_letter_code
;MNHKVHHHHHHIEGRHMPLNNYLHVFYYSWYGNPQFDGKYIHWNHPVLEHWDPRIAKNYPQGRHNPPDDIGSSFYPELGS
YSSRDPSVIETHMRQMRSASIGVLALSWYPPDVNDENGEPTDNLVPTILDKAHKYNLKVTFHIEPYSNRDDQNMYKNVKY
IIDKYGNHPAFYRYKTKTGNALPMFYVYDSYITKPEKWANLLTTSGSRSIRNSPYDGLFIALLVEEKHKYDILQSGFDGI
YTYFATNGFTYGSSHQNWASLKLFCDKYNLIFIPSVGPGYIDTSIRPWNTQNTRNRINGKYYEIGLSAALQTRPSLISIT
SFNQWHEGTQIEKAVPKRTSNTVYLDYRPHKPGLYLELTRKWSEKYSKERATYALDRQLPVS
;
_entity_poly.pdbx_strand_id   AAA
#
loop_
_chem_comp.id
_chem_comp.type
_chem_comp.name
_chem_comp.formula
GLC D-saccharide, alpha linking alpha-D-glucopyranose 'C6 H12 O6'
MAN D-saccharide, alpha linking alpha-D-mannopyranose 'C6 H12 O6'
MG non-polymer 'MAGNESIUM ION' 'Mg 2'
MMA D-saccharide 'methyl alpha-D-mannopyranoside' 'C7 H14 O6'
TEW non-polymer 6-tungstotellurate(VI) 'O24 Te W6 -6'
#
# COMPACT_ATOMS: atom_id res chain seq x y z
N LEU A 19 -9.88 -16.91 3.53
CA LEU A 19 -8.68 -16.02 3.48
C LEU A 19 -8.28 -15.81 2.01
N ASN A 20 -8.44 -14.60 1.49
CA ASN A 20 -8.37 -14.30 0.03
C ASN A 20 -6.93 -13.88 -0.38
N ASN A 21 -6.23 -14.72 -1.13
CA ASN A 21 -4.81 -14.48 -1.51
C ASN A 21 -4.70 -13.57 -2.75
N TYR A 22 -5.84 -13.10 -3.25
CA TYR A 22 -5.94 -12.15 -4.40
C TYR A 22 -6.18 -10.72 -3.88
N LEU A 23 -6.20 -10.54 -2.54
CA LEU A 23 -6.46 -9.23 -1.86
C LEU A 23 -5.24 -8.83 -1.04
N HIS A 24 -4.60 -7.76 -1.50
CA HIS A 24 -3.38 -7.15 -0.92
C HIS A 24 -3.81 -5.88 -0.19
N VAL A 25 -3.04 -5.48 0.83
CA VAL A 25 -3.31 -4.26 1.63
C VAL A 25 -1.95 -3.64 1.93
N PHE A 26 -1.82 -2.32 1.72
CA PHE A 26 -0.52 -1.64 1.92
C PHE A 26 -0.38 -1.43 3.43
N TYR A 27 0.74 -1.87 3.97
CA TYR A 27 0.97 -1.92 5.43
C TYR A 27 2.26 -1.15 5.72
N TYR A 28 2.27 -0.36 6.79
CA TYR A 28 3.44 0.45 7.21
C TYR A 28 3.90 -0.02 8.58
N SER A 29 5.22 -0.21 8.73
CA SER A 29 5.88 -0.67 9.97
C SER A 29 6.77 0.44 10.56
N TRP A 30 6.42 1.72 10.34
CA TRP A 30 7.30 2.89 10.62
C TRP A 30 6.85 3.65 11.88
N TYR A 31 5.80 3.22 12.57
CA TYR A 31 5.31 3.83 13.83
C TYR A 31 6.24 3.44 14.99
N GLY A 32 6.57 4.41 15.85
CA GLY A 32 7.46 4.24 17.01
C GLY A 32 6.89 4.89 18.24
N ASN A 33 7.39 4.54 19.42
CA ASN A 33 6.98 5.13 20.73
C ASN A 33 8.08 4.89 21.76
N PRO A 34 8.14 5.71 22.82
CA PRO A 34 9.30 5.72 23.71
C PRO A 34 9.59 4.36 24.36
N GLN A 35 8.55 3.56 24.63
CA GLN A 35 8.68 2.27 25.34
C GLN A 35 9.62 1.35 24.57
N PHE A 36 9.22 0.97 23.36
CA PHE A 36 9.93 -0.01 22.51
C PHE A 36 11.03 0.69 21.72
N ASP A 37 10.79 1.93 21.27
CA ASP A 37 11.67 2.59 20.29
C ASP A 37 12.42 3.72 20.98
N GLY A 38 12.10 4.05 22.23
CA GLY A 38 12.85 5.06 23.02
C GLY A 38 12.56 6.49 22.59
N LYS A 39 11.66 6.68 21.64
CA LYS A 39 11.15 8.01 21.21
C LYS A 39 9.89 7.76 20.38
N TYR A 40 9.00 8.75 20.25
CA TYR A 40 7.92 8.70 19.23
C TYR A 40 8.60 8.80 17.85
N ILE A 41 8.05 8.03 16.89
CA ILE A 41 8.44 7.98 15.45
C ILE A 41 7.13 7.96 14.67
N HIS A 42 7.03 8.83 13.69
CA HIS A 42 5.86 9.01 12.77
C HIS A 42 4.69 9.66 13.47
N TRP A 43 4.31 9.23 14.69
CA TRP A 43 3.13 9.77 15.41
C TRP A 43 3.36 11.26 15.66
N ASN A 44 4.61 11.63 15.93
CA ASN A 44 5.05 13.02 16.27
C ASN A 44 5.43 13.70 14.96
N HIS A 45 4.58 13.53 13.94
CA HIS A 45 4.88 13.94 12.55
C HIS A 45 4.90 15.47 12.57
N PRO A 46 5.89 16.08 11.91
CA PRO A 46 5.91 17.52 11.76
C PRO A 46 4.81 17.89 10.77
N VAL A 47 4.20 19.06 10.96
CA VAL A 47 3.32 19.70 9.93
C VAL A 47 4.23 20.06 8.76
N LEU A 48 3.89 19.64 7.55
CA LEU A 48 4.71 19.91 6.35
C LEU A 48 4.37 21.28 5.76
N GLU A 49 5.39 22.14 5.64
CA GLU A 49 5.30 23.52 5.10
C GLU A 49 4.83 23.47 3.65
N HIS A 50 3.80 24.23 3.27
CA HIS A 50 3.60 24.67 1.87
C HIS A 50 4.90 25.34 1.37
N TRP A 51 5.33 25.10 0.11
CA TRP A 51 6.58 25.66 -0.48
C TRP A 51 6.58 27.18 -0.35
N ASP A 52 5.42 27.81 -0.53
CA ASP A 52 5.19 29.28 -0.55
C ASP A 52 4.97 29.77 0.88
N PRO A 53 5.98 30.45 1.47
CA PRO A 53 5.88 30.94 2.85
C PRO A 53 4.73 31.92 3.10
N ARG A 54 4.33 32.72 2.11
CA ARG A 54 3.15 33.64 2.23
C ARG A 54 1.96 32.82 2.75
N ILE A 55 1.78 31.58 2.28
CA ILE A 55 0.61 30.70 2.60
C ILE A 55 0.86 29.88 3.87
N ALA A 56 2.02 29.20 3.95
CA ALA A 56 2.40 28.27 5.05
C ALA A 56 2.21 28.92 6.43
N LYS A 57 2.58 30.20 6.56
CA LYS A 57 2.60 30.93 7.86
C LYS A 57 1.19 30.98 8.45
N ASN A 58 0.15 30.79 7.63
CA ASN A 58 -1.28 30.84 8.06
C ASN A 58 -1.81 29.47 8.53
N TYR A 59 -0.97 28.42 8.55
CA TYR A 59 -1.35 27.06 9.01
C TYR A 59 -0.50 26.70 10.22
N PRO A 60 -0.86 25.64 10.97
CA PRO A 60 -0.03 25.19 12.09
C PRO A 60 1.42 24.90 11.65
N GLN A 61 2.32 24.84 12.64
CA GLN A 61 3.78 24.58 12.53
C GLN A 61 4.28 23.71 13.70
N GLY A 62 5.30 22.88 13.48
CA GLY A 62 5.88 22.02 14.53
C GLY A 62 5.44 20.56 14.41
N ARG A 63 5.96 19.71 15.30
CA ARG A 63 5.66 18.27 15.44
C ARG A 63 4.43 18.11 16.31
N HIS A 64 3.64 17.08 16.06
CA HIS A 64 2.58 16.66 17.00
C HIS A 64 3.24 16.08 18.26
N ASN A 65 2.55 16.16 19.40
CA ASN A 65 3.03 15.70 20.74
C ASN A 65 2.22 14.50 21.20
N PRO A 66 2.59 13.26 20.78
CA PRO A 66 1.90 12.07 21.27
C PRO A 66 2.10 11.98 22.78
N PRO A 67 1.22 11.26 23.52
CA PRO A 67 0.25 10.35 22.91
C PRO A 67 -1.11 10.96 22.54
N ASP A 68 -1.42 12.17 23.00
CA ASP A 68 -2.78 12.75 22.85
C ASP A 68 -2.90 13.56 21.54
N ASP A 69 -1.81 14.19 21.10
CA ASP A 69 -1.70 14.92 19.81
C ASP A 69 -0.86 14.11 18.81
N ILE A 70 -1.50 13.38 17.90
CA ILE A 70 -0.76 12.56 16.88
C ILE A 70 -0.89 13.22 15.48
N GLY A 71 -0.04 12.84 14.54
CA GLY A 71 -0.19 13.29 13.13
C GLY A 71 -1.17 12.43 12.38
N SER A 72 -2.45 12.52 12.74
CA SER A 72 -3.56 11.81 12.07
C SER A 72 -4.89 12.51 12.37
N SER A 73 -5.86 12.39 11.47
CA SER A 73 -7.23 12.91 11.67
C SER A 73 -8.01 11.93 12.55
N PHE A 74 -7.57 10.67 12.60
CA PHE A 74 -8.23 9.54 13.32
C PHE A 74 -7.33 9.12 14.50
N TYR A 75 -7.85 8.33 15.44
CA TYR A 75 -7.02 7.80 16.55
C TYR A 75 -7.15 6.29 16.60
N PRO A 76 -6.04 5.51 16.76
CA PRO A 76 -6.09 4.04 16.78
C PRO A 76 -6.56 3.44 18.10
N GLU A 77 -7.26 2.30 18.02
CA GLU A 77 -7.55 1.44 19.19
C GLU A 77 -6.24 1.19 19.95
N LEU A 78 -5.13 0.93 19.28
CA LEU A 78 -3.85 0.58 19.97
C LEU A 78 -3.09 1.83 20.42
N GLY A 79 -3.72 3.02 20.30
CA GLY A 79 -3.08 4.31 20.55
C GLY A 79 -1.81 4.53 19.73
N SER A 80 -0.89 5.31 20.28
CA SER A 80 0.36 5.71 19.61
C SER A 80 1.35 4.55 19.77
N TYR A 81 1.03 3.46 19.07
CA TYR A 81 1.72 2.14 19.16
C TYR A 81 3.07 2.17 18.47
N SER A 82 3.89 1.17 18.81
CA SER A 82 5.16 0.84 18.13
C SER A 82 4.89 -0.29 17.14
N SER A 83 5.34 -0.15 15.90
CA SER A 83 5.29 -1.21 14.86
C SER A 83 6.11 -2.43 15.32
N ARG A 84 7.10 -2.22 16.17
CA ARG A 84 8.08 -3.20 16.72
C ARG A 84 7.49 -3.85 17.98
N ASP A 85 6.27 -3.48 18.37
CA ASP A 85 5.55 -4.13 19.49
C ASP A 85 5.02 -5.47 18.99
N PRO A 86 5.62 -6.60 19.44
CA PRO A 86 5.17 -7.94 19.04
C PRO A 86 3.65 -8.05 19.10
N SER A 87 3.04 -7.42 20.09
CA SER A 87 1.58 -7.56 20.35
C SER A 87 0.77 -6.80 19.30
N VAL A 88 1.28 -5.65 18.85
CA VAL A 88 0.62 -4.78 17.82
C VAL A 88 0.64 -5.56 16.49
N ILE A 89 1.83 -6.01 16.07
CA ILE A 89 2.01 -6.90 14.88
C ILE A 89 0.93 -7.99 14.93
N GLU A 90 0.76 -8.63 16.08
CA GLU A 90 -0.19 -9.77 16.24
C GLU A 90 -1.61 -9.24 16.04
N THR A 91 -1.92 -8.12 16.67
CA THR A 91 -3.26 -7.50 16.62
C THR A 91 -3.54 -7.21 15.14
N HIS A 92 -2.53 -6.68 14.44
CA HIS A 92 -2.61 -6.33 13.00
C HIS A 92 -2.94 -7.58 12.16
N MET A 93 -2.19 -8.68 12.33
CA MET A 93 -2.44 -9.94 11.58
C MET A 93 -3.90 -10.40 11.80
N ARG A 94 -4.31 -10.50 13.06
CA ARG A 94 -5.68 -10.89 13.48
C ARG A 94 -6.74 -10.08 12.72
N GLN A 95 -6.54 -8.76 12.59
CA GLN A 95 -7.50 -7.82 11.95
C GLN A 95 -7.57 -8.01 10.43
N MET A 96 -6.41 -8.21 9.81
CA MET A 96 -6.29 -8.53 8.35
C MET A 96 -6.92 -9.90 8.07
N ARG A 97 -6.71 -10.88 8.96
CA ARG A 97 -7.34 -12.23 8.83
C ARG A 97 -8.86 -12.09 8.96
N SER A 98 -9.34 -11.30 9.90
CA SER A 98 -10.78 -11.00 10.06
C SER A 98 -11.34 -10.31 8.82
N ALA A 99 -10.50 -9.51 8.13
CA ALA A 99 -10.87 -8.73 6.93
C ALA A 99 -10.93 -9.60 5.67
N SER A 100 -10.35 -10.81 5.71
CA SER A 100 -10.27 -11.81 4.60
C SER A 100 -9.25 -11.32 3.57
N ILE A 101 -8.15 -10.76 4.06
CA ILE A 101 -7.00 -10.26 3.26
C ILE A 101 -5.85 -11.23 3.49
N GLY A 102 -5.26 -11.77 2.41
CA GLY A 102 -4.25 -12.84 2.48
C GLY A 102 -2.83 -12.30 2.51
N VAL A 103 -2.68 -11.03 2.12
CA VAL A 103 -1.39 -10.46 1.69
C VAL A 103 -1.28 -9.03 2.25
N LEU A 104 -0.23 -8.77 3.03
CA LEU A 104 0.15 -7.38 3.37
C LEU A 104 1.35 -7.03 2.50
N ALA A 105 1.23 -5.93 1.76
CA ALA A 105 2.30 -5.35 0.93
C ALA A 105 3.06 -4.36 1.83
N LEU A 106 4.19 -4.81 2.37
CA LEU A 106 4.99 -4.09 3.38
C LEU A 106 5.82 -2.98 2.71
N SER A 107 5.61 -1.72 3.13
CA SER A 107 6.41 -0.53 2.69
C SER A 107 7.87 -0.81 3.05
N TRP A 108 8.79 -0.66 2.11
CA TRP A 108 10.17 -1.16 2.31
C TRP A 108 11.22 -0.13 1.86
N TYR A 109 12.24 0.07 2.71
CA TYR A 109 13.49 0.84 2.43
C TYR A 109 14.69 -0.06 2.66
N PRO A 110 15.76 0.05 1.85
CA PRO A 110 16.92 -0.80 2.04
C PRO A 110 17.40 -0.76 3.47
N PRO A 111 18.16 -1.77 3.93
CA PRO A 111 18.74 -1.72 5.27
C PRO A 111 19.42 -0.35 5.47
N ASP A 112 19.31 0.20 6.69
CA ASP A 112 20.04 1.41 7.17
C ASP A 112 19.52 2.67 6.48
N VAL A 113 18.29 2.64 5.96
CA VAL A 113 17.67 3.73 5.15
C VAL A 113 16.22 3.84 5.60
N ASN A 114 15.61 5.02 5.46
CA ASN A 114 14.31 5.37 6.08
C ASN A 114 13.61 6.46 5.25
N ASP A 115 12.28 6.51 5.30
CA ASP A 115 11.51 7.69 4.86
C ASP A 115 12.03 8.87 5.67
N GLU A 116 11.88 10.07 5.11
CA GLU A 116 12.40 11.37 5.62
CA GLU A 116 12.46 11.34 5.66
C GLU A 116 11.88 11.71 7.04
N ASN A 117 10.77 11.09 7.49
CA ASN A 117 10.10 11.36 8.81
C ASN A 117 10.11 10.11 9.70
N GLY A 118 10.94 9.11 9.41
CA GLY A 118 10.95 7.85 10.16
C GLY A 118 12.37 7.37 10.38
N GLU A 119 12.53 6.15 10.89
CA GLU A 119 13.85 5.49 11.09
C GLU A 119 13.88 4.21 10.24
N PRO A 120 15.04 3.54 10.09
CA PRO A 120 15.08 2.29 9.33
C PRO A 120 14.06 1.26 9.84
N THR A 121 13.64 0.32 8.96
CA THR A 121 12.61 -0.72 9.24
C THR A 121 12.95 -2.10 8.64
N ASP A 122 14.12 -2.28 8.01
CA ASP A 122 14.42 -3.59 7.36
C ASP A 122 14.64 -4.61 8.49
N ASN A 123 15.27 -4.18 9.60
CA ASN A 123 15.51 -5.01 10.82
C ASN A 123 14.21 -5.71 11.26
N LEU A 124 13.06 -5.11 10.97
CA LEU A 124 11.76 -5.57 11.54
C LEU A 124 11.06 -6.57 10.60
N VAL A 125 11.48 -6.68 9.34
CA VAL A 125 10.85 -7.59 8.33
C VAL A 125 10.83 -9.03 8.86
N PRO A 126 11.97 -9.59 9.36
CA PRO A 126 12.01 -10.98 9.83
C PRO A 126 10.89 -11.28 10.84
N THR A 127 10.71 -10.38 11.81
CA THR A 127 9.68 -10.50 12.89
C THR A 127 8.29 -10.48 12.26
N ILE A 128 8.09 -9.64 11.24
CA ILE A 128 6.74 -9.43 10.64
C ILE A 128 6.39 -10.70 9.87
N LEU A 129 7.39 -11.36 9.25
CA LEU A 129 7.21 -12.62 8.49
C LEU A 129 6.76 -13.73 9.45
N ASP A 130 7.51 -13.96 10.54
CA ASP A 130 7.18 -14.94 11.62
C ASP A 130 5.72 -14.80 12.05
N LYS A 131 5.24 -13.56 12.21
CA LYS A 131 3.86 -13.25 12.72
C LYS A 131 2.80 -13.45 11.63
N ALA A 132 3.10 -13.11 10.37
CA ALA A 132 2.22 -13.41 9.21
C ALA A 132 2.01 -14.92 9.10
N HIS A 133 3.10 -15.69 9.21
CA HIS A 133 3.06 -17.17 9.16
C HIS A 133 2.10 -17.64 10.23
N LYS A 134 2.32 -17.19 11.47
CA LYS A 134 1.50 -17.58 12.64
C LYS A 134 0.01 -17.43 12.34
N TYR A 135 -0.41 -16.51 11.46
CA TYR A 135 -1.84 -16.23 11.16
C TYR A 135 -2.15 -16.62 9.73
N ASN A 136 -1.21 -17.36 9.11
CA ASN A 136 -1.39 -18.00 7.78
C ASN A 136 -1.52 -16.90 6.72
N LEU A 137 -0.68 -15.86 6.81
CA LEU A 137 -0.76 -14.69 5.90
C LEU A 137 0.55 -14.57 5.12
N LYS A 138 0.48 -13.89 3.96
CA LYS A 138 1.63 -13.67 3.05
C LYS A 138 2.09 -12.20 3.04
N VAL A 139 3.41 -12.00 3.03
CA VAL A 139 4.14 -10.70 3.03
C VAL A 139 4.86 -10.49 1.69
N THR A 140 4.35 -9.56 0.86
CA THR A 140 5.06 -8.99 -0.33
C THR A 140 5.58 -7.60 0.02
N PHE A 141 6.20 -6.92 -0.95
CA PHE A 141 7.13 -5.79 -0.72
C PHE A 141 6.77 -4.63 -1.64
N HIS A 142 6.51 -3.47 -1.03
CA HIS A 142 6.12 -2.20 -1.68
C HIS A 142 7.36 -1.29 -1.72
N ILE A 143 8.05 -1.25 -2.85
CA ILE A 143 9.41 -0.65 -2.91
C ILE A 143 9.27 0.86 -3.06
N GLU A 144 9.58 1.58 -1.97
CA GLU A 144 9.47 3.06 -1.82
C GLU A 144 10.56 3.71 -2.64
N PRO A 145 10.44 5.03 -2.92
CA PRO A 145 11.42 5.76 -3.71
C PRO A 145 12.63 6.17 -2.86
N TYR A 146 13.50 5.22 -2.48
CA TYR A 146 14.74 5.49 -1.71
C TYR A 146 15.68 6.30 -2.62
N SER A 147 16.58 7.07 -1.99
CA SER A 147 17.43 8.06 -2.68
C SER A 147 18.34 7.34 -3.67
N ASN A 148 18.47 7.94 -4.85
CA ASN A 148 19.22 7.42 -6.02
CA ASN A 148 19.23 7.41 -6.02
C ASN A 148 18.80 5.97 -6.33
N ARG A 149 17.52 5.62 -6.12
CA ARG A 149 17.01 4.31 -6.57
C ARG A 149 17.08 4.29 -8.10
N ASP A 150 17.66 3.25 -8.68
CA ASP A 150 17.77 3.04 -10.16
C ASP A 150 17.76 1.54 -10.46
N ASP A 151 17.85 1.18 -11.74
CA ASP A 151 17.87 -0.23 -12.20
C ASP A 151 18.98 -1.04 -11.50
N GLN A 152 20.11 -0.44 -11.16
CA GLN A 152 21.31 -1.17 -10.67
C GLN A 152 21.18 -1.54 -9.19
N ASN A 153 20.81 -0.60 -8.32
CA ASN A 153 20.57 -0.89 -6.88
C ASN A 153 19.23 -1.61 -6.73
N MET A 154 18.27 -1.42 -7.64
CA MET A 154 17.02 -2.24 -7.65
C MET A 154 17.35 -3.72 -7.84
N TYR A 155 18.42 -4.04 -8.58
CA TYR A 155 18.91 -5.44 -8.76
C TYR A 155 19.45 -5.91 -7.41
N LYS A 156 20.35 -5.11 -6.83
CA LYS A 156 21.05 -5.41 -5.56
C LYS A 156 20.01 -5.67 -4.48
N ASN A 157 18.91 -4.90 -4.52
CA ASN A 157 17.85 -4.89 -3.47
C ASN A 157 16.80 -5.96 -3.74
N VAL A 158 16.43 -6.22 -4.99
CA VAL A 158 15.57 -7.41 -5.29
C VAL A 158 16.35 -8.66 -4.88
N LYS A 159 17.61 -8.76 -5.29
CA LYS A 159 18.54 -9.81 -4.81
C LYS A 159 18.41 -9.96 -3.29
N TYR A 160 18.64 -8.88 -2.53
CA TYR A 160 18.63 -8.84 -1.03
C TYR A 160 17.33 -9.38 -0.49
N ILE A 161 16.22 -8.92 -1.02
CA ILE A 161 14.88 -9.32 -0.49
C ILE A 161 14.73 -10.83 -0.66
N ILE A 162 14.96 -11.35 -1.87
CA ILE A 162 14.74 -12.79 -2.23
C ILE A 162 15.79 -13.68 -1.53
N ASP A 163 17.05 -13.25 -1.47
CA ASP A 163 18.10 -13.96 -0.69
C ASP A 163 17.61 -14.13 0.75
N LYS A 164 17.49 -13.01 1.47
CA LYS A 164 17.32 -12.94 2.95
C LYS A 164 15.96 -13.49 3.41
N TYR A 165 14.87 -13.32 2.65
CA TYR A 165 13.47 -13.63 3.06
C TYR A 165 12.75 -14.56 2.07
N GLY A 166 13.36 -14.88 0.93
CA GLY A 166 12.71 -15.72 -0.11
C GLY A 166 12.35 -17.12 0.39
N ASN A 167 13.12 -17.69 1.33
CA ASN A 167 12.92 -19.08 1.81
C ASN A 167 11.70 -19.13 2.74
N HIS A 168 11.41 -18.03 3.42
CA HIS A 168 10.46 -17.97 4.57
C HIS A 168 9.07 -18.37 4.13
N PRO A 169 8.37 -19.23 4.90
CA PRO A 169 7.05 -19.73 4.49
C PRO A 169 5.95 -18.67 4.33
N ALA A 170 6.16 -17.49 4.92
CA ALA A 170 5.25 -16.33 4.85
C ALA A 170 5.59 -15.46 3.64
N PHE A 171 6.81 -15.55 3.10
CA PHE A 171 7.26 -14.84 1.86
C PHE A 171 6.25 -15.12 0.74
N TYR A 172 5.76 -14.07 0.06
CA TYR A 172 4.68 -14.17 -0.94
C TYR A 172 5.27 -14.45 -2.33
N ARG A 173 4.58 -15.39 -3.01
CA ARG A 173 4.82 -15.81 -4.41
C ARG A 173 3.44 -15.93 -5.07
N TYR A 174 3.24 -15.31 -6.23
CA TYR A 174 1.97 -15.35 -6.98
C TYR A 174 2.02 -16.59 -7.87
N LYS A 175 1.32 -17.65 -7.43
CA LYS A 175 1.15 -18.95 -8.15
C LYS A 175 0.44 -18.69 -9.48
N THR A 176 1.11 -19.02 -10.57
CA THR A 176 0.50 -19.28 -11.90
C THR A 176 0.12 -20.77 -11.90
N LYS A 177 -1.01 -21.14 -12.52
CA LYS A 177 -1.42 -22.57 -12.66
C LYS A 177 -0.28 -23.40 -13.28
N THR A 178 0.48 -22.80 -14.22
CA THR A 178 1.74 -23.35 -14.78
C THR A 178 2.89 -22.36 -14.57
N GLY A 179 4.07 -22.92 -14.28
CA GLY A 179 5.32 -22.17 -14.04
C GLY A 179 5.56 -21.99 -12.55
N ASN A 180 6.80 -21.63 -12.19
CA ASN A 180 7.13 -21.25 -10.79
C ASN A 180 6.23 -20.09 -10.35
N ALA A 181 5.81 -20.12 -9.09
CA ALA A 181 5.29 -18.96 -8.34
C ALA A 181 6.40 -17.91 -8.25
N LEU A 182 6.06 -16.65 -8.54
CA LEU A 182 7.03 -15.52 -8.64
C LEU A 182 6.78 -14.49 -7.54
N PRO A 183 7.85 -14.04 -6.86
CA PRO A 183 7.75 -12.89 -5.96
C PRO A 183 7.07 -11.73 -6.68
N MET A 184 6.41 -10.85 -5.90
CA MET A 184 5.87 -9.57 -6.40
C MET A 184 6.64 -8.40 -5.74
N PHE A 185 7.09 -7.44 -6.56
CA PHE A 185 7.56 -6.11 -6.12
C PHE A 185 6.62 -5.05 -6.68
N TYR A 186 5.93 -4.33 -5.79
CA TYR A 186 5.21 -3.08 -6.12
C TYR A 186 6.24 -1.96 -6.03
N VAL A 187 6.46 -1.23 -7.12
CA VAL A 187 7.53 -0.18 -7.23
C VAL A 187 6.85 1.19 -7.15
N TYR A 188 6.77 1.78 -5.94
CA TYR A 188 6.21 3.14 -5.71
C TYR A 188 7.02 4.19 -6.51
N ASP A 189 6.31 5.03 -7.28
CA ASP A 189 6.86 6.17 -8.06
C ASP A 189 7.87 5.65 -9.09
N SER A 190 7.59 4.49 -9.69
CA SER A 190 8.35 3.87 -10.81
C SER A 190 8.63 4.88 -11.96
N TYR A 191 7.75 5.85 -12.23
CA TYR A 191 7.83 6.84 -13.35
C TYR A 191 9.04 7.77 -13.21
N ILE A 192 9.65 7.81 -12.02
CA ILE A 192 10.83 8.64 -11.68
C ILE A 192 12.01 8.13 -12.49
N THR A 193 12.11 6.81 -12.69
CA THR A 193 13.22 6.18 -13.46
C THR A 193 12.73 5.96 -14.90
N LYS A 194 13.57 6.31 -15.86
CA LYS A 194 13.18 6.32 -17.30
CA LYS A 194 13.28 6.32 -17.32
C LYS A 194 13.03 4.87 -17.78
N PRO A 195 12.18 4.63 -18.80
CA PRO A 195 11.95 3.28 -19.29
C PRO A 195 13.22 2.53 -19.71
N GLU A 196 14.15 3.22 -20.38
CA GLU A 196 15.36 2.60 -20.95
C GLU A 196 16.22 2.07 -19.79
N LYS A 197 16.18 2.71 -18.63
CA LYS A 197 16.89 2.20 -17.43
C LYS A 197 16.15 0.98 -16.87
N TRP A 198 14.81 1.03 -16.75
CA TRP A 198 13.98 -0.12 -16.28
C TRP A 198 14.20 -1.34 -17.15
N ALA A 199 14.16 -1.18 -18.48
CA ALA A 199 14.36 -2.25 -19.46
C ALA A 199 15.74 -2.93 -19.29
N ASN A 200 16.71 -2.31 -18.61
CA ASN A 200 18.00 -2.99 -18.31
C ASN A 200 17.77 -4.13 -17.32
N LEU A 201 16.78 -3.98 -16.45
CA LEU A 201 16.43 -4.91 -15.35
C LEU A 201 15.26 -5.81 -15.77
N LEU A 202 14.32 -5.32 -16.56
CA LEU A 202 12.96 -5.91 -16.61
C LEU A 202 12.66 -6.51 -17.97
N THR A 203 13.58 -6.44 -18.92
CA THR A 203 13.40 -7.14 -20.23
C THR A 203 14.41 -8.27 -20.31
N THR A 204 14.14 -9.23 -21.18
CA THR A 204 14.90 -10.49 -21.37
C THR A 204 16.35 -10.16 -21.71
N SER A 205 16.56 -9.18 -22.60
CA SER A 205 17.90 -8.83 -23.14
C SER A 205 18.57 -7.75 -22.29
N GLY A 206 17.90 -7.25 -21.24
CA GLY A 206 18.43 -6.22 -20.36
C GLY A 206 19.84 -6.53 -19.91
N SER A 207 20.74 -5.55 -19.98
CA SER A 207 22.16 -5.69 -19.59
C SER A 207 22.26 -6.18 -18.15
N ARG A 208 21.22 -6.01 -17.34
CA ARG A 208 21.14 -6.54 -15.95
C ARG A 208 19.76 -7.17 -15.70
N SER A 209 19.22 -7.88 -16.70
CA SER A 209 17.90 -8.57 -16.61
C SER A 209 17.85 -9.54 -15.44
N ILE A 210 16.73 -9.56 -14.71
CA ILE A 210 16.41 -10.55 -13.65
C ILE A 210 15.56 -11.66 -14.29
N ARG A 211 15.18 -11.50 -15.56
CA ARG A 211 14.27 -12.44 -16.25
C ARG A 211 14.96 -13.81 -16.40
N ASN A 212 14.18 -14.89 -16.23
CA ASN A 212 14.63 -16.30 -16.26
C ASN A 212 15.92 -16.40 -15.44
N SER A 213 15.93 -15.86 -14.23
CA SER A 213 17.06 -15.89 -13.26
C SER A 213 16.53 -16.27 -11.87
N PRO A 214 17.42 -16.53 -10.87
CA PRO A 214 16.95 -16.85 -9.51
C PRO A 214 16.16 -15.67 -8.90
N TYR A 215 16.29 -14.48 -9.49
CA TYR A 215 15.78 -13.20 -8.93
C TYR A 215 14.62 -12.65 -9.76
N ASP A 216 13.97 -13.48 -10.58
CA ASP A 216 12.80 -13.01 -11.37
C ASP A 216 11.69 -12.69 -10.36
N GLY A 217 10.68 -11.94 -10.81
CA GLY A 217 9.46 -11.68 -10.05
C GLY A 217 8.44 -10.98 -10.92
N LEU A 218 7.31 -10.58 -10.34
CA LEU A 218 6.29 -9.72 -10.99
C LEU A 218 6.44 -8.29 -10.44
N PHE A 219 6.93 -7.40 -11.28
CA PHE A 219 7.16 -5.97 -10.96
C PHE A 219 5.95 -5.15 -11.41
N ILE A 220 5.32 -4.48 -10.45
CA ILE A 220 4.10 -3.67 -10.69
C ILE A 220 4.47 -2.17 -10.62
N ALA A 221 4.21 -1.46 -11.72
CA ALA A 221 4.53 -0.04 -11.92
C ALA A 221 3.36 0.76 -11.35
N LEU A 222 3.66 1.93 -10.79
CA LEU A 222 2.61 2.90 -10.44
C LEU A 222 2.28 3.70 -11.68
N LEU A 223 1.04 3.59 -12.16
CA LEU A 223 0.51 4.46 -13.22
C LEU A 223 -0.16 5.65 -12.54
N VAL A 224 0.32 6.86 -12.87
CA VAL A 224 -0.22 8.16 -12.40
C VAL A 224 -1.01 8.81 -13.54
N GLU A 225 -0.32 9.16 -14.62
CA GLU A 225 -0.87 9.85 -15.81
C GLU A 225 -1.18 8.80 -16.87
N GLU A 226 -2.20 9.03 -17.69
CA GLU A 226 -2.52 8.06 -18.77
C GLU A 226 -1.24 7.77 -19.59
N LYS A 227 -0.44 8.79 -19.88
CA LYS A 227 0.71 8.65 -20.82
C LYS A 227 1.72 7.65 -20.25
N HIS A 228 1.76 7.42 -18.93
CA HIS A 228 2.72 6.47 -18.30
C HIS A 228 2.48 5.03 -18.76
N LYS A 229 1.29 4.69 -19.25
CA LYS A 229 0.99 3.38 -19.92
C LYS A 229 2.19 2.89 -20.76
N TYR A 230 2.66 3.75 -21.66
CA TYR A 230 3.60 3.40 -22.76
C TYR A 230 5.00 3.29 -22.14
N ASP A 231 5.32 4.19 -21.23
CA ASP A 231 6.61 4.12 -20.47
C ASP A 231 6.65 2.75 -19.77
N ILE A 232 5.54 2.37 -19.13
CA ILE A 232 5.42 1.07 -18.39
C ILE A 232 5.59 -0.12 -19.36
N LEU A 233 4.91 -0.09 -20.51
CA LEU A 233 5.09 -1.15 -21.55
C LEU A 233 6.57 -1.28 -21.86
N GLN A 234 7.19 -0.15 -22.20
CA GLN A 234 8.58 -0.10 -22.69
C GLN A 234 9.54 -0.54 -21.58
N SER A 235 9.21 -0.25 -20.31
CA SER A 235 10.08 -0.55 -19.13
C SER A 235 10.23 -2.06 -18.98
N GLY A 236 9.21 -2.83 -19.36
CA GLY A 236 9.21 -4.31 -19.22
C GLY A 236 8.51 -4.80 -17.95
N PHE A 237 7.79 -3.90 -17.26
CA PHE A 237 6.93 -4.20 -16.06
C PHE A 237 5.81 -5.21 -16.39
N ASP A 238 5.50 -6.07 -15.40
CA ASP A 238 4.51 -7.18 -15.50
C ASP A 238 3.09 -6.68 -15.20
N GLY A 239 2.95 -5.51 -14.58
CA GLY A 239 1.63 -5.04 -14.10
C GLY A 239 1.66 -3.59 -13.64
N ILE A 240 0.47 -3.00 -13.48
CA ILE A 240 0.30 -1.58 -13.05
C ILE A 240 -0.66 -1.53 -11.86
N TYR A 241 -0.37 -0.69 -10.87
CA TYR A 241 -1.31 -0.37 -9.78
C TYR A 241 -1.39 1.14 -9.62
N THR A 242 -2.35 1.61 -8.82
CA THR A 242 -2.85 3.02 -8.85
C THR A 242 -2.68 3.71 -7.48
N TYR A 243 -2.47 2.93 -6.42
CA TYR A 243 -2.21 3.33 -5.00
C TYR A 243 -3.22 4.33 -4.40
N PHE A 244 -3.32 5.56 -4.92
CA PHE A 244 -4.02 6.70 -4.26
C PHE A 244 -5.48 6.35 -3.98
N ALA A 245 -5.93 6.70 -2.75
CA ALA A 245 -7.25 6.42 -2.16
C ALA A 245 -8.25 7.51 -2.52
N THR A 246 -7.75 8.62 -3.04
CA THR A 246 -8.60 9.76 -3.46
C THR A 246 -9.00 9.54 -4.91
N ASN A 247 -10.27 9.18 -5.13
CA ASN A 247 -10.89 9.16 -6.48
C ASN A 247 -10.73 10.55 -7.11
N GLY A 248 -9.99 10.68 -8.21
CA GLY A 248 -9.87 11.94 -8.97
C GLY A 248 -8.52 12.62 -8.79
N PHE A 249 -7.68 12.13 -7.88
CA PHE A 249 -6.34 12.71 -7.56
C PHE A 249 -5.42 12.60 -8.77
N THR A 250 -5.36 11.42 -9.40
CA THR A 250 -4.57 11.13 -10.63
C THR A 250 -5.47 10.44 -11.65
N TYR A 251 -5.00 10.30 -12.90
CA TYR A 251 -5.73 9.56 -13.97
C TYR A 251 -6.00 8.14 -13.47
N GLY A 252 -4.97 7.58 -12.89
CA GLY A 252 -4.94 6.16 -12.51
C GLY A 252 -5.81 5.91 -11.32
N SER A 253 -5.98 6.89 -10.42
CA SER A 253 -6.71 6.71 -9.12
C SER A 253 -8.20 7.05 -9.26
N SER A 254 -8.63 7.42 -10.47
CA SER A 254 -10.02 7.76 -10.81
C SER A 254 -10.73 6.50 -11.31
N HIS A 255 -11.84 6.15 -10.65
CA HIS A 255 -12.61 4.88 -10.83
C HIS A 255 -13.05 4.73 -12.28
N GLN A 256 -13.45 5.82 -12.92
CA GLN A 256 -13.96 5.85 -14.32
C GLN A 256 -12.91 5.33 -15.31
N ASN A 257 -11.62 5.50 -15.03
CA ASN A 257 -10.49 5.12 -15.91
C ASN A 257 -10.11 3.66 -15.67
N TRP A 258 -10.66 2.99 -14.65
CA TRP A 258 -10.22 1.61 -14.32
C TRP A 258 -10.61 0.60 -15.43
N ALA A 259 -11.72 0.81 -16.14
CA ALA A 259 -12.17 -0.04 -17.27
C ALA A 259 -11.08 -0.04 -18.34
N SER A 260 -10.64 1.17 -18.73
CA SER A 260 -9.63 1.42 -19.79
C SER A 260 -8.30 0.75 -19.43
N LEU A 261 -7.87 0.85 -18.18
CA LEU A 261 -6.56 0.30 -17.77
C LEU A 261 -6.61 -1.23 -17.80
N LYS A 262 -7.74 -1.79 -17.37
CA LYS A 262 -8.02 -3.25 -17.48
C LYS A 262 -7.94 -3.65 -18.96
N LEU A 263 -8.70 -2.96 -19.81
CA LEU A 263 -8.72 -3.21 -21.28
C LEU A 263 -7.28 -3.17 -21.80
N PHE A 264 -6.55 -2.12 -21.43
CA PHE A 264 -5.14 -1.89 -21.85
C PHE A 264 -4.26 -3.05 -21.40
N CYS A 265 -4.31 -3.40 -20.11
CA CYS A 265 -3.41 -4.41 -19.50
C CYS A 265 -3.66 -5.78 -20.16
N ASP A 266 -4.93 -6.06 -20.47
CA ASP A 266 -5.38 -7.35 -21.07
C ASP A 266 -4.73 -7.52 -22.46
N LYS A 267 -4.88 -6.53 -23.33
CA LYS A 267 -4.26 -6.47 -24.68
C LYS A 267 -2.75 -6.74 -24.56
N TYR A 268 -2.09 -6.24 -23.50
CA TYR A 268 -0.62 -6.27 -23.35
C TYR A 268 -0.15 -7.29 -22.31
N ASN A 269 -0.99 -8.20 -21.83
CA ASN A 269 -0.56 -9.25 -20.86
C ASN A 269 0.11 -8.60 -19.62
N LEU A 270 -0.49 -7.53 -19.10
CA LEU A 270 -0.13 -6.95 -17.76
C LEU A 270 -1.25 -7.27 -16.77
N ILE A 271 -0.85 -7.50 -15.53
CA ILE A 271 -1.77 -7.58 -14.36
C ILE A 271 -2.16 -6.15 -13.95
N PHE A 272 -3.42 -5.79 -14.19
CA PHE A 272 -4.07 -4.59 -13.61
C PHE A 272 -4.50 -4.86 -12.16
N ILE A 273 -3.89 -4.13 -11.22
CA ILE A 273 -4.20 -4.20 -9.76
C ILE A 273 -4.78 -2.87 -9.33
N PRO A 274 -6.12 -2.71 -9.28
CA PRO A 274 -6.69 -1.43 -8.81
C PRO A 274 -6.43 -1.28 -7.30
N SER A 275 -6.21 -0.05 -6.83
CA SER A 275 -6.06 0.25 -5.39
C SER A 275 -7.31 1.00 -4.93
N VAL A 276 -7.98 0.45 -3.92
CA VAL A 276 -9.23 1.02 -3.34
C VAL A 276 -8.92 1.54 -1.94
N GLY A 277 -9.41 2.76 -1.67
CA GLY A 277 -9.33 3.41 -0.35
C GLY A 277 -10.71 3.61 0.28
N PRO A 278 -10.78 3.57 1.64
CA PRO A 278 -11.99 3.89 2.39
C PRO A 278 -12.30 5.40 2.51
N GLY A 279 -11.30 6.22 2.23
CA GLY A 279 -11.37 7.69 2.28
C GLY A 279 -9.96 8.26 2.29
N TYR A 280 -9.81 9.59 2.40
CA TYR A 280 -8.51 10.30 2.51
C TYR A 280 -8.72 11.53 3.40
N ILE A 281 -7.77 11.81 4.29
CA ILE A 281 -7.61 13.14 4.97
C ILE A 281 -6.23 13.20 5.65
N ASP A 282 -5.43 14.20 5.27
CA ASP A 282 -4.01 14.32 5.68
C ASP A 282 -3.73 15.72 6.22
N THR A 283 -4.77 16.52 6.48
CA THR A 283 -4.66 17.95 6.85
C THR A 283 -4.00 18.08 8.24
N SER A 284 -3.85 16.99 9.00
CA SER A 284 -3.04 16.98 10.26
C SER A 284 -1.60 17.33 9.93
N ILE A 285 -1.10 16.97 8.74
CA ILE A 285 0.33 17.16 8.33
C ILE A 285 0.48 17.88 6.96
N ARG A 286 -0.60 18.09 6.21
CA ARG A 286 -0.59 18.81 4.91
C ARG A 286 -1.82 19.71 4.88
N PRO A 287 -1.81 20.80 5.69
CA PRO A 287 -3.02 21.57 5.96
C PRO A 287 -3.56 22.24 4.69
N TRP A 288 -2.76 22.30 3.65
CA TRP A 288 -3.13 22.87 2.33
CA TRP A 288 -3.16 22.89 2.35
C TRP A 288 -3.89 21.86 1.47
N ASN A 289 -3.95 20.58 1.88
CA ASN A 289 -4.32 19.47 0.96
C ASN A 289 -5.78 19.05 1.18
N THR A 290 -6.67 20.01 1.39
CA THR A 290 -8.12 19.76 1.56
C THR A 290 -8.73 19.24 0.26
N GLN A 291 -8.21 19.66 -0.89
CA GLN A 291 -8.76 19.31 -2.23
C GLN A 291 -8.93 17.79 -2.30
N ASN A 292 -8.09 17.02 -1.61
CA ASN A 292 -8.00 15.56 -1.80
C ASN A 292 -8.64 14.82 -0.63
N THR A 293 -9.25 15.55 0.32
CA THR A 293 -10.07 14.96 1.40
C THR A 293 -11.31 14.30 0.76
N ARG A 294 -11.60 13.10 1.23
CA ARG A 294 -12.80 12.31 0.89
C ARG A 294 -13.37 11.84 2.21
N ASN A 295 -14.56 12.31 2.54
CA ASN A 295 -15.31 11.84 3.73
C ASN A 295 -15.73 10.42 3.44
N ARG A 296 -15.74 9.57 4.47
CA ARG A 296 -16.04 8.13 4.35
C ARG A 296 -17.54 7.89 4.12
N ILE A 297 -18.43 8.81 4.53
CA ILE A 297 -19.92 8.65 4.60
C ILE A 297 -20.26 7.23 5.10
N ASN A 298 -19.58 6.75 6.13
CA ASN A 298 -19.94 5.54 6.92
C ASN A 298 -19.72 4.27 6.10
N GLY A 299 -18.73 4.22 5.21
CA GLY A 299 -18.43 3.04 4.38
C GLY A 299 -18.81 3.21 2.92
N LYS A 300 -19.69 4.15 2.56
CA LYS A 300 -20.21 4.29 1.18
CA LYS A 300 -20.21 4.32 1.18
C LYS A 300 -19.08 4.67 0.22
N TYR A 301 -18.14 5.54 0.60
CA TYR A 301 -16.99 5.83 -0.31
C TYR A 301 -16.25 4.52 -0.62
N TYR A 302 -15.81 3.80 0.41
CA TYR A 302 -15.03 2.54 0.30
C TYR A 302 -15.76 1.49 -0.53
N GLU A 303 -17.08 1.37 -0.40
CA GLU A 303 -17.91 0.38 -1.15
C GLU A 303 -18.08 0.81 -2.62
N ILE A 304 -18.13 2.11 -2.92
CA ILE A 304 -18.11 2.58 -4.33
C ILE A 304 -16.77 2.13 -4.97
N GLY A 305 -15.65 2.47 -4.32
CA GLY A 305 -14.32 2.00 -4.73
C GLY A 305 -14.28 0.50 -4.97
N LEU A 306 -14.73 -0.30 -4.00
CA LEU A 306 -14.61 -1.77 -4.02
C LEU A 306 -15.45 -2.29 -5.19
N SER A 307 -16.59 -1.67 -5.41
CA SER A 307 -17.51 -2.04 -6.51
C SER A 307 -16.73 -1.87 -7.82
N ALA A 308 -16.32 -0.64 -8.11
CA ALA A 308 -15.64 -0.19 -9.36
C ALA A 308 -14.46 -1.12 -9.69
N ALA A 309 -13.67 -1.49 -8.66
CA ALA A 309 -12.55 -2.48 -8.73
C ALA A 309 -13.06 -3.86 -9.16
N LEU A 310 -14.09 -4.40 -8.49
CA LEU A 310 -14.60 -5.76 -8.81
CA LEU A 310 -14.64 -5.75 -8.80
C LEU A 310 -15.23 -5.75 -10.22
N GLN A 311 -15.87 -4.65 -10.63
CA GLN A 311 -16.46 -4.54 -11.98
C GLN A 311 -15.40 -4.78 -13.07
N THR A 312 -14.13 -4.44 -12.84
CA THR A 312 -13.04 -4.66 -13.83
C THR A 312 -12.62 -6.12 -13.84
N ARG A 313 -13.24 -6.97 -13.02
CA ARG A 313 -12.86 -8.41 -12.97
C ARG A 313 -11.33 -8.48 -12.92
N PRO A 314 -10.70 -7.89 -11.89
CA PRO A 314 -9.26 -7.78 -11.86
C PRO A 314 -8.66 -9.09 -11.36
N SER A 315 -7.39 -9.27 -11.65
CA SER A 315 -6.63 -10.48 -11.30
C SER A 315 -6.15 -10.38 -9.83
N LEU A 316 -5.93 -9.18 -9.31
CA LEU A 316 -5.74 -8.90 -7.86
C LEU A 316 -6.43 -7.59 -7.54
N ILE A 317 -6.68 -7.34 -6.25
CA ILE A 317 -7.11 -6.01 -5.72
C ILE A 317 -6.18 -5.59 -4.57
N SER A 318 -5.80 -4.32 -4.55
CA SER A 318 -5.01 -3.71 -3.46
C SER A 318 -5.91 -2.76 -2.65
N ILE A 319 -5.67 -2.74 -1.34
CA ILE A 319 -6.35 -1.84 -0.36
C ILE A 319 -5.33 -0.82 0.14
N THR A 320 -5.64 0.45 -0.15
CA THR A 320 -4.93 1.65 0.37
C THR A 320 -5.78 2.29 1.47
N SER A 321 -5.53 1.97 2.74
CA SER A 321 -4.40 1.19 3.23
C SER A 321 -4.84 0.45 4.51
N PHE A 322 -3.94 -0.31 5.12
CA PHE A 322 -4.21 -0.90 6.46
C PHE A 322 -4.03 0.17 7.51
N ASN A 323 -2.85 0.79 7.53
CA ASN A 323 -2.46 1.70 8.64
C ASN A 323 -1.60 2.86 8.14
N GLN A 324 -2.04 3.57 7.11
CA GLN A 324 -1.52 4.92 6.78
C GLN A 324 -2.41 5.94 7.53
N TRP A 325 -2.01 6.28 8.76
CA TRP A 325 -2.84 7.09 9.69
C TRP A 325 -2.74 8.58 9.31
N HIS A 326 -1.57 9.00 8.84
CA HIS A 326 -1.28 10.40 8.41
C HIS A 326 -2.27 10.82 7.32
N GLU A 327 -2.58 9.93 6.36
CA GLU A 327 -3.41 10.22 5.17
C GLU A 327 -4.86 9.82 5.40
N GLY A 328 -5.18 9.21 6.55
CA GLY A 328 -6.56 8.80 6.90
C GLY A 328 -7.15 7.86 5.87
N THR A 329 -6.35 6.89 5.42
CA THR A 329 -6.74 5.81 4.47
C THR A 329 -6.81 4.45 5.18
N GLN A 330 -6.42 4.40 6.46
CA GLN A 330 -6.34 3.15 7.29
C GLN A 330 -7.73 2.49 7.39
N ILE A 331 -7.73 1.15 7.43
CA ILE A 331 -8.95 0.34 7.73
C ILE A 331 -8.80 -0.26 9.15
N GLU A 332 -7.60 -0.18 9.74
CA GLU A 332 -7.28 -0.60 11.11
C GLU A 332 -8.27 0.07 12.05
N LYS A 333 -8.60 -0.62 13.15
CA LYS A 333 -9.63 -0.22 14.15
C LYS A 333 -9.27 1.16 14.72
N ALA A 334 -10.25 2.08 14.72
CA ALA A 334 -10.19 3.48 15.20
C ALA A 334 -11.31 3.77 16.21
N VAL A 335 -11.03 4.63 17.20
CA VAL A 335 -11.92 4.89 18.38
C VAL A 335 -12.18 6.38 18.51
N PRO A 336 -13.37 6.85 18.92
CA PRO A 336 -13.54 8.29 19.17
C PRO A 336 -12.55 8.77 20.23
N LYS A 337 -12.04 10.00 20.06
CA LYS A 337 -11.10 10.67 21.01
C LYS A 337 -11.22 12.20 20.83
N ARG A 338 -11.30 12.91 21.94
CA ARG A 338 -11.31 14.40 21.99
C ARG A 338 -10.27 14.89 23.00
N THR A 339 -9.59 15.98 22.68
CA THR A 339 -8.69 16.73 23.58
C THR A 339 -9.18 18.17 23.72
N SER A 340 -8.42 19.04 24.40
CA SER A 340 -8.77 20.48 24.60
C SER A 340 -8.81 21.25 23.26
N ASN A 341 -8.20 20.74 22.18
CA ASN A 341 -8.17 21.39 20.83
C ASN A 341 -8.78 20.55 19.72
N THR A 342 -8.83 19.22 19.88
CA THR A 342 -9.01 18.30 18.72
C THR A 342 -10.20 17.37 18.99
N VAL A 343 -11.18 17.38 18.09
CA VAL A 343 -12.19 16.30 17.92
C VAL A 343 -11.68 15.44 16.76
N TYR A 344 -11.10 14.27 17.08
CA TYR A 344 -10.58 13.29 16.09
C TYR A 344 -11.76 12.74 15.29
N LEU A 345 -11.57 12.38 14.03
CA LEU A 345 -12.59 11.61 13.30
C LEU A 345 -12.59 10.16 13.86
N ASP A 346 -13.67 9.46 13.55
CA ASP A 346 -13.91 8.05 13.98
C ASP A 346 -14.97 7.43 13.05
N TYR A 347 -15.34 6.19 13.33
CA TYR A 347 -16.25 5.42 12.45
C TYR A 347 -17.70 5.46 13.00
N ARG A 348 -18.03 6.33 13.97
CA ARG A 348 -19.41 6.41 14.50
C ARG A 348 -20.31 6.83 13.34
N PRO A 349 -21.60 6.44 13.29
CA PRO A 349 -22.24 5.62 14.33
C PRO A 349 -21.85 4.13 14.35
N HIS A 350 -20.94 3.70 13.50
CA HIS A 350 -20.54 2.27 13.40
C HIS A 350 -19.45 2.02 14.44
N LYS A 351 -18.84 0.85 14.42
CA LYS A 351 -17.87 0.38 15.44
C LYS A 351 -16.46 0.50 14.90
N PRO A 352 -15.42 0.34 15.75
CA PRO A 352 -14.03 0.39 15.32
C PRO A 352 -13.63 -0.56 14.16
N GLY A 353 -14.43 -1.63 13.96
CA GLY A 353 -14.14 -2.67 12.97
C GLY A 353 -14.90 -2.49 11.65
N LEU A 354 -15.75 -1.48 11.50
CA LEU A 354 -16.58 -1.24 10.29
C LEU A 354 -15.78 -1.54 8.99
N TYR A 355 -14.54 -1.03 8.91
CA TYR A 355 -13.68 -1.10 7.70
C TYR A 355 -13.17 -2.55 7.59
N LEU A 356 -12.87 -3.21 8.72
CA LEU A 356 -12.51 -4.65 8.70
C LEU A 356 -13.73 -5.46 8.25
N GLU A 357 -14.92 -5.12 8.71
CA GLU A 357 -16.17 -5.84 8.31
C GLU A 357 -16.45 -5.58 6.81
N LEU A 358 -16.37 -4.34 6.32
CA LEU A 358 -16.78 -4.05 4.91
C LEU A 358 -15.81 -4.77 3.96
N THR A 359 -14.55 -4.91 4.38
CA THR A 359 -13.53 -5.65 3.62
C THR A 359 -13.93 -7.14 3.56
N ARG A 360 -14.23 -7.76 4.70
CA ARG A 360 -14.62 -9.18 4.77
C ARG A 360 -15.76 -9.38 3.77
N LYS A 361 -16.81 -8.57 3.90
CA LYS A 361 -17.96 -8.60 2.96
C LYS A 361 -17.44 -8.69 1.52
N TRP A 362 -16.62 -7.73 1.06
CA TRP A 362 -16.21 -7.54 -0.36
C TRP A 362 -15.12 -8.53 -0.78
N SER A 363 -14.27 -8.97 0.14
CA SER A 363 -13.24 -10.02 -0.08
C SER A 363 -13.90 -11.35 -0.48
N GLU A 364 -14.92 -11.77 0.26
CA GLU A 364 -15.72 -13.00 -0.01
C GLU A 364 -16.44 -12.86 -1.37
N LYS A 365 -17.00 -11.68 -1.65
CA LYS A 365 -17.71 -11.42 -2.93
C LYS A 365 -16.72 -11.45 -4.10
N TYR A 366 -15.55 -10.82 -3.94
CA TYR A 366 -14.46 -10.89 -4.96
C TYR A 366 -14.15 -12.37 -5.19
N SER A 367 -13.78 -13.03 -4.08
CA SER A 367 -13.18 -14.38 -4.05
C SER A 367 -14.10 -15.35 -4.80
N LYS A 368 -15.41 -15.10 -4.71
CA LYS A 368 -16.43 -15.91 -5.39
C LYS A 368 -16.45 -15.57 -6.87
N GLU A 369 -16.55 -14.29 -7.24
CA GLU A 369 -16.62 -13.87 -8.68
C GLU A 369 -15.32 -14.25 -9.39
N ARG A 370 -14.18 -14.02 -8.76
CA ARG A 370 -12.83 -14.32 -9.31
C ARG A 370 -12.74 -15.79 -9.78
N ALA A 371 -13.43 -16.74 -9.13
CA ALA A 371 -13.38 -18.17 -9.52
C ALA A 371 -14.06 -18.39 -10.89
N THR A 372 -14.93 -17.48 -11.36
CA THR A 372 -15.69 -17.62 -12.63
C THR A 372 -14.98 -16.94 -13.81
N TYR A 373 -13.73 -16.47 -13.61
CA TYR A 373 -12.96 -15.66 -14.59
C TYR A 373 -12.17 -16.58 -15.56
N ALA A 374 -11.35 -17.52 -15.03
CA ALA A 374 -10.46 -18.48 -15.75
C ALA A 374 -11.16 -19.05 -16.98
N LEU A 375 -10.44 -19.34 -18.09
CA LEU A 375 -11.09 -19.79 -19.36
C LEU A 375 -11.65 -21.22 -19.22
N ASP A 376 -10.92 -22.12 -18.54
CA ASP A 376 -11.30 -23.52 -18.23
C ASP A 376 -12.44 -23.62 -17.19
N ARG A 377 -12.94 -22.48 -16.65
CA ARG A 377 -14.08 -22.42 -15.71
C ARG A 377 -15.22 -21.57 -16.31
N GLN A 378 -15.26 -21.42 -17.64
CA GLN A 378 -16.37 -20.73 -18.39
C GLN A 378 -17.45 -21.78 -18.71
N LEU A 379 -18.65 -21.33 -19.09
CA LEU A 379 -19.87 -22.18 -19.22
C LEU A 379 -20.41 -22.14 -20.65
N PRO A 380 -21.33 -23.08 -21.02
CA PRO A 380 -22.19 -22.91 -22.18
C PRO A 380 -22.90 -21.56 -22.20
C1 MMA B . 2.40 13.16 -4.75
C2 MMA B . 3.14 11.97 -4.12
C3 MMA B . 3.99 11.28 -5.18
C4 MMA B . 3.07 10.83 -6.29
C5 MMA B . 2.38 12.02 -6.92
C6 MMA B . 1.43 11.53 -8.00
C7 MMA B . 2.95 15.35 -5.71
O1 MMA B . 3.39 14.17 -5.01
O2 MMA B . 2.26 10.97 -3.50
O3 MMA B . 4.66 10.16 -4.62
O4 MMA B . 3.79 10.12 -7.27
O5 MMA B . 1.69 12.78 -5.94
O6 MMA B . 0.89 12.65 -8.71
C1 MAN B . 2.55 10.79 -2.11
C2 MAN B . 1.70 9.66 -1.48
C3 MAN B . 0.17 10.04 -1.45
C4 MAN B . -0.07 11.44 -0.89
C5 MAN B . 0.89 12.42 -1.55
C6 MAN B . 0.72 13.84 -0.97
O2 MAN B . 2.40 9.38 -0.25
O3 MAN B . -0.71 9.02 -0.89
O4 MAN B . -1.42 11.89 -1.11
O5 MAN B . 2.25 11.99 -1.40
O6 MAN B . 1.01 14.77 -2.00
C1 MAN B . 1.99 8.20 0.48
C2 MAN B . 2.84 8.33 1.71
C3 MAN B . 4.31 8.33 1.22
C4 MAN B . 4.68 6.98 0.67
C5 MAN B . 3.64 6.59 -0.38
C6 MAN B . 3.74 5.10 -0.70
O2 MAN B . 2.45 7.26 2.60
O3 MAN B . 5.28 8.66 2.24
O4 MAN B . 6.02 7.07 0.15
O5 MAN B . 2.27 6.86 -0.02
O6 MAN B . 3.66 4.24 0.45
C1 GLC B . 5.35 10.11 2.41
C2 GLC B . 6.75 10.42 2.96
C3 GLC B . 6.77 10.11 4.45
C4 GLC B . 5.61 10.81 5.19
C5 GLC B . 4.26 10.40 4.63
C6 GLC B . 3.10 11.20 5.20
O2 GLC B . 7.74 9.68 2.19
O3 GLC B . 8.02 10.48 5.02
O4 GLC B . 5.67 10.43 6.52
O5 GLC B . 4.25 10.61 3.20
O6 GLC B . 1.86 10.90 4.54
MG MG C . -1.77 -16.63 -17.67
O1 TEW D . -2.29 -20.87 -16.54
O2 TEW D . -2.42 -18.34 -16.42
O3 TEW D . -0.62 -19.61 -18.03
O4 TEW D . -1.34 -19.27 -14.30
O5 TEW D . 0.43 -18.00 -16.08
O6 TEW D . 0.72 -20.62 -15.71
O7 TEW D . -3.36 -19.64 -18.65
O8 TEW D . -0.30 -22.17 -18.27
O9 TEW D . -1.34 -20.73 -20.41
O10 TEW D . -3.29 -22.16 -18.84
O11 TEW D . -5.17 -18.37 -17.06
O12 TEW D . -5.18 -20.94 -17.21
O13 TEW D . -4.15 -19.50 -14.81
O14 TEW D . -4.18 -16.84 -14.86
O15 TEW D . -1.49 -16.65 -14.22
O16 TEW D . -3.20 -18.23 -12.53
O17 TEW D . -6.21 -19.82 -19.40
O18 TEW D . -5.84 -22.51 -19.52
O19 TEW D . -4.27 -20.71 -21.10
O20 TEW D . -6.92 -19.38 -15.63
O21 TEW D . -8.06 -20.98 -17.51
O22 TEW D . -7.96 -18.31 -18.13
O23 TEW D . -6.89 -16.68 -15.52
O31 TEW D . -6.29 -18.24 -13.27
TE1 TEW D . -3.80 -19.68 -16.73
W1 TEW D . -0.53 -19.47 -16.09
W2 TEW D . -1.68 -21.16 -18.73
W3 TEW D . -2.71 -17.90 -14.17
W4 TEW D . -4.78 -21.12 -19.51
W5 TEW D . -6.96 -19.66 -17.58
W6 TEW D . -5.79 -17.91 -14.91
O1 TEW E . -6.24 3.44 -27.77
O2 TEW E . -6.19 1.03 -26.91
O3 TEW E . -7.53 3.14 -25.59
O4 TEW E . -3.98 2.28 -26.57
O5 TEW E . -5.55 1.82 -24.25
O6 TEW E . -5.01 4.37 -25.30
O7 TEW E . -8.48 2.25 -28.18
O8 TEW E . -7.58 5.74 -26.52
O9 TEW E . -9.90 4.20 -26.59
O10 TEW E . -8.29 4.76 -28.88
O11 TEW E . -7.20 0.04 -29.40
O12 TEW E . -7.05 2.47 -30.37
O13 TEW E . -4.88 1.12 -29.12
O14 TEW E . -4.75 -1.12 -28.08
O15 TEW E . -3.99 -0.28 -25.57
O16 TEW E . -2.37 0.40 -27.74
O17 TEW E . -9.31 1.64 -30.76
O18 TEW E . -8.99 4.40 -31.42
O19 TEW E . -10.74 3.62 -29.41
O20 TEW E . -5.97 -0.08 -31.52
O21 TEW E . -7.66 1.43 -33.07
O22 TEW E . -8.67 -0.80 -31.84
O23 TEW E . -5.98 -2.58 -30.20
O31 TEW E . -3.67 -1.19 -30.60
TE1 TEW E . -6.66 1.76 -28.63
W1 TEW E . -5.63 2.80 -25.67
W2 TEW E . -8.23 4.25 -27.06
W3 TEW E . -3.98 0.43 -27.16
W4 TEW E . -9.13 3.42 -29.98
W5 TEW E . -7.78 0.67 -31.54
W6 TEW E . -5.26 -1.04 -29.95
#